data_5K6V
#
_entry.id   5K6V
#
_cell.length_a   158.189
_cell.length_b   158.189
_cell.length_c   53.525
_cell.angle_alpha   90.00
_cell.angle_beta   90.00
_cell.angle_gamma   120.00
#
_symmetry.space_group_name_H-M   'P 32 2 1'
#
loop_
_entity.id
_entity.type
_entity.pdbx_description
1 polymer 'Protein sidekick-1'
2 branched beta-D-mannopyranose-(1-4)-2-acetamido-2-deoxy-beta-D-glucopyranose-(1-4)-2-acetamido-2-deoxy-beta-D-glucopyranose
3 branched 2-acetamido-2-deoxy-beta-D-glucopyranose-(1-4)-2-acetamido-2-deoxy-beta-D-glucopyranose
4 non-polymer 2-acetamido-2-deoxy-beta-D-glucopyranose
5 non-polymer 'ZINC ION'
6 water water
#
_entity_poly.entity_id   1
_entity_poly.type   'polypeptide(L)'
_entity_poly.pdbx_seq_one_letter_code
;GPALAQDDVAPYFKTEPGLPQIHLEGNRLVLTCLAEGSWPLEFKWIRNDSELTTYSSEYKYIIPSLQKLDAGFYRCVVRN
RMGALLQRKSEIQVAYMGNFMDTDQRKTVSQGHAALLNLLPIVSCPQPQVTWFREGHKIIPSSRIAITLENQLVILATTA
SDAGAYYVQAVNEKNGENKTSPFIHLSVARDTGTHEAMAPIIVVAPGNRSVVAGSSETTLECIANARPVEELSVHWKRNG
VRLTSGLHSYGRRLTITNPTSADTGMYVCEATLRGSTFEPARARAFLSIIEPPYFTAEPESRILGEVEETMDIPCRAMGV
PLPTLQWYKDAVPLSKLQNPRYKVLPSGGLHIQKLSPEDSGIFQCFASNEGGEVQTHTYLDVTN
;
_entity_poly.pdbx_strand_id   A
#
loop_
_chem_comp.id
_chem_comp.type
_chem_comp.name
_chem_comp.formula
BMA D-saccharide, beta linking beta-D-mannopyranose 'C6 H12 O6'
NAG D-saccharide, beta linking 2-acetamido-2-deoxy-beta-D-glucopyranose 'C8 H15 N O6'
ZN non-polymer 'ZINC ION' 'Zn 2'
#
# COMPACT_ATOMS: atom_id res chain seq x y z
N GLN A 6 -9.96 25.04 -34.19
CA GLN A 6 -11.21 25.64 -34.60
C GLN A 6 -12.08 25.97 -33.39
N ASP A 7 -11.41 26.19 -32.25
CA ASP A 7 -12.07 26.55 -30.99
C ASP A 7 -13.05 25.48 -30.53
N ASP A 8 -12.79 24.22 -30.89
CA ASP A 8 -13.57 23.08 -30.45
C ASP A 8 -12.60 22.02 -29.90
N VAL A 9 -11.98 22.33 -28.77
CA VAL A 9 -10.93 21.50 -28.18
C VAL A 9 -11.49 20.81 -26.95
N ALA A 10 -11.37 19.48 -26.91
CA ALA A 10 -11.77 18.73 -25.74
C ALA A 10 -10.77 18.96 -24.60
N PRO A 11 -11.22 18.87 -23.36
CA PRO A 11 -10.33 19.18 -22.22
C PRO A 11 -9.20 18.18 -22.09
N TYR A 12 -8.10 18.65 -21.52
CA TYR A 12 -6.98 17.82 -21.13
C TYR A 12 -6.23 18.52 -20.01
N PHE A 13 -5.59 17.73 -19.16
CA PHE A 13 -4.98 18.25 -17.95
C PHE A 13 -3.56 18.75 -18.21
N LYS A 14 -3.25 19.94 -17.70
CA LYS A 14 -1.89 20.46 -17.72
C LYS A 14 -1.07 19.99 -16.54
N THR A 15 -1.72 19.57 -15.45
CA THR A 15 -1.04 19.11 -14.26
C THR A 15 -1.16 17.61 -14.12
N GLU A 16 -0.06 16.96 -13.72
CA GLU A 16 -0.06 15.53 -13.44
C GLU A 16 -0.19 15.33 -11.94
N PRO A 17 -1.33 14.88 -11.44
CA PRO A 17 -1.46 14.64 -9.99
C PRO A 17 -0.40 13.65 -9.51
N GLY A 18 0.30 14.04 -8.45
CA GLY A 18 1.50 13.36 -8.01
C GLY A 18 1.26 12.25 -7.02
N LEU A 19 2.27 12.00 -6.20
CA LEU A 19 2.27 10.86 -5.29
C LEU A 19 1.36 11.14 -4.10
N PRO A 20 0.99 10.11 -3.34
CA PRO A 20 0.17 10.33 -2.14
C PRO A 20 0.87 11.26 -1.17
N GLN A 21 0.08 12.14 -0.55
CA GLN A 21 0.59 13.12 0.39
C GLN A 21 -0.16 13.01 1.71
N ILE A 22 0.60 13.04 2.81
CA ILE A 22 0.06 12.91 4.16
C ILE A 22 0.12 14.27 4.83
N HIS A 23 -1.04 14.75 5.28
CA HIS A 23 -1.15 16.07 5.89
C HIS A 23 -1.74 15.96 7.29
N LEU A 24 -1.39 16.92 8.14
CA LEU A 24 -1.80 16.90 9.53
C LEU A 24 -3.23 17.40 9.68
N GLU A 25 -3.87 16.99 10.77
CA GLU A 25 -5.19 17.48 11.10
C GLU A 25 -5.16 18.97 11.41
N GLY A 26 -6.26 19.66 11.08
CA GLY A 26 -6.36 21.08 11.29
C GLY A 26 -5.68 21.94 10.24
N ASN A 27 -4.83 21.36 9.40
CA ASN A 27 -4.16 22.11 8.35
C ASN A 27 -5.11 22.42 7.21
N ARG A 28 -4.78 23.45 6.45
CA ARG A 28 -5.55 23.86 5.28
C ARG A 28 -5.05 23.09 4.07
N LEU A 29 -5.98 22.49 3.34
CA LEU A 29 -5.68 21.71 2.14
C LEU A 29 -6.39 22.32 0.94
N VAL A 30 -5.67 22.46 -0.16
CA VAL A 30 -6.22 23.01 -1.39
C VAL A 30 -5.91 22.05 -2.53
N LEU A 31 -6.94 21.67 -3.28
CA LEU A 31 -6.80 20.82 -4.45
C LEU A 31 -7.23 21.61 -5.69
N THR A 32 -6.48 21.46 -6.77
CA THR A 32 -6.72 22.21 -8.00
C THR A 32 -6.97 21.26 -9.16
N CYS A 33 -7.88 21.67 -10.05
CA CYS A 33 -8.23 20.92 -11.26
C CYS A 33 -7.87 21.80 -12.45
N LEU A 34 -6.58 21.81 -12.80
CA LEU A 34 -6.07 22.69 -13.85
C LEU A 34 -6.06 21.93 -15.18
N ALA A 35 -6.97 22.30 -16.07
CA ALA A 35 -7.09 21.69 -17.38
C ALA A 35 -7.01 22.76 -18.46
N GLU A 36 -6.97 22.30 -19.71
CA GLU A 36 -6.85 23.18 -20.87
C GLU A 36 -7.81 22.72 -21.95
N GLY A 37 -8.60 23.64 -22.47
CA GLY A 37 -9.55 23.30 -23.52
C GLY A 37 -10.40 24.50 -23.89
N SER A 38 -11.49 24.22 -24.59
CA SER A 38 -12.39 25.28 -25.03
C SER A 38 -13.19 25.81 -23.84
N TRP A 39 -13.26 27.13 -23.73
CA TRP A 39 -13.95 27.78 -22.62
C TRP A 39 -15.42 28.07 -22.94
N PRO A 40 -16.28 28.14 -21.91
CA PRO A 40 -15.98 27.91 -20.50
C PRO A 40 -15.88 26.44 -20.10
N LEU A 41 -15.08 26.17 -19.07
CA LEU A 41 -14.93 24.84 -18.51
C LEU A 41 -15.61 24.76 -17.16
N GLU A 42 -16.10 23.57 -16.82
CA GLU A 42 -16.74 23.32 -15.53
C GLU A 42 -16.01 22.18 -14.82
N PHE A 43 -15.97 22.26 -13.49
CA PHE A 43 -15.23 21.31 -12.67
C PHE A 43 -16.10 20.81 -11.54
N LYS A 44 -15.96 19.53 -11.22
CA LYS A 44 -16.58 18.94 -10.05
C LYS A 44 -15.62 17.93 -9.43
N TRP A 45 -15.82 17.64 -8.15
CA TRP A 45 -14.89 16.82 -7.39
C TRP A 45 -15.58 15.55 -6.89
N ILE A 46 -14.83 14.46 -6.88
CA ILE A 46 -15.32 13.15 -6.49
C ILE A 46 -14.35 12.54 -5.50
N ARG A 47 -14.86 12.08 -4.37
CA ARG A 47 -14.06 11.42 -3.33
C ARG A 47 -14.63 10.03 -3.08
N ASN A 48 -13.81 9.00 -3.29
CA ASN A 48 -14.20 7.61 -3.04
C ASN A 48 -15.45 7.23 -3.85
N ASP A 49 -15.43 7.60 -5.13
CA ASP A 49 -16.55 7.36 -6.04
C ASP A 49 -17.84 7.96 -5.49
N SER A 50 -17.72 9.15 -4.89
CA SER A 50 -18.87 9.88 -4.35
C SER A 50 -18.67 11.36 -4.62
N GLU A 51 -19.66 11.98 -5.25
CA GLU A 51 -19.54 13.38 -5.66
C GLU A 51 -19.50 14.29 -4.44
N LEU A 52 -18.52 15.21 -4.42
CA LEU A 52 -18.41 16.19 -3.36
C LEU A 52 -19.07 17.50 -3.73
N THR A 53 -18.90 17.97 -4.95
CA THR A 53 -19.42 19.25 -5.39
C THR A 53 -20.15 19.10 -6.72
N THR A 54 -21.03 20.06 -7.00
CA THR A 54 -21.69 20.12 -8.30
C THR A 54 -20.80 20.81 -9.32
N TYR A 55 -21.24 20.83 -10.57
CA TYR A 55 -20.49 21.49 -11.61
C TYR A 55 -20.53 23.01 -11.40
N SER A 56 -19.36 23.63 -11.49
CA SER A 56 -19.26 25.08 -11.35
C SER A 56 -18.02 25.56 -12.09
N SER A 57 -17.85 26.87 -12.13
CA SER A 57 -16.67 27.47 -12.73
C SER A 57 -15.48 27.50 -11.77
N GLU A 58 -15.65 27.04 -10.54
CA GLU A 58 -14.55 27.02 -9.57
C GLU A 58 -13.67 25.80 -9.82
N TYR A 59 -12.36 26.02 -9.91
CA TYR A 59 -11.41 24.97 -10.23
C TYR A 59 -10.64 24.47 -9.01
N LYS A 60 -10.91 24.99 -7.82
CA LYS A 60 -10.23 24.54 -6.62
C LYS A 60 -11.22 24.12 -5.55
N TYR A 61 -10.80 23.16 -4.73
CA TYR A 61 -11.58 22.66 -3.61
C TYR A 61 -10.74 22.82 -2.35
N ILE A 62 -11.26 23.57 -1.39
CA ILE A 62 -10.49 23.98 -0.21
C ILE A 62 -11.11 23.36 1.03
N ILE A 63 -10.28 22.68 1.82
CA ILE A 63 -10.68 22.19 3.14
C ILE A 63 -9.94 23.05 4.17
N PRO A 64 -10.61 24.03 4.79
CA PRO A 64 -9.90 24.93 5.72
C PRO A 64 -9.27 24.20 6.90
N SER A 65 -9.91 23.14 7.39
CA SER A 65 -9.38 22.35 8.49
C SER A 65 -9.58 20.89 8.17
N LEU A 66 -8.49 20.12 8.13
CA LEU A 66 -8.55 18.71 7.77
C LEU A 66 -9.08 17.88 8.93
N GLN A 67 -9.77 16.80 8.57
CA GLN A 67 -10.33 15.86 9.54
C GLN A 67 -9.98 14.44 9.10
N LYS A 68 -10.18 13.49 10.02
CA LYS A 68 -9.94 12.09 9.69
C LYS A 68 -10.84 11.62 8.57
N LEU A 69 -12.06 12.17 8.49
CA LEU A 69 -13.01 11.77 7.46
C LEU A 69 -12.63 12.28 6.08
N ASP A 70 -11.87 13.37 6.00
CA ASP A 70 -11.49 13.95 4.71
C ASP A 70 -10.50 13.09 3.94
N ALA A 71 -9.92 12.08 4.57
CA ALA A 71 -8.95 11.23 3.89
C ALA A 71 -9.64 10.36 2.84
N GLY A 72 -8.97 10.14 1.73
CA GLY A 72 -9.51 9.32 0.67
C GLY A 72 -8.86 9.66 -0.66
N PHE A 73 -9.34 8.97 -1.69
CA PHE A 73 -8.87 9.18 -3.06
C PHE A 73 -9.74 10.24 -3.72
N TYR A 74 -9.11 11.31 -4.21
CA TYR A 74 -9.82 12.44 -4.79
C TYR A 74 -9.62 12.48 -6.30
N ARG A 75 -10.70 12.87 -7.00
CA ARG A 75 -10.67 13.04 -8.45
C ARG A 75 -11.40 14.33 -8.79
N CYS A 76 -11.12 14.86 -9.97
CA CYS A 76 -11.84 16.01 -10.48
C CYS A 76 -12.26 15.75 -11.92
N VAL A 77 -13.44 16.24 -12.29
CA VAL A 77 -14.00 16.05 -13.61
C VAL A 77 -14.09 17.41 -14.29
N VAL A 78 -13.51 17.51 -15.48
CA VAL A 78 -13.55 18.72 -16.28
C VAL A 78 -14.44 18.47 -17.50
N ARG A 79 -15.26 19.45 -17.84
CA ARG A 79 -16.27 19.25 -18.88
C ARG A 79 -16.47 20.54 -19.66
N ASN A 80 -16.78 20.39 -20.95
CA ASN A 80 -17.18 21.50 -21.81
C ASN A 80 -18.17 20.96 -22.84
N ARG A 81 -18.36 21.70 -23.93
CA ARG A 81 -19.29 21.28 -24.97
C ARG A 81 -18.87 19.99 -25.65
N MET A 82 -17.58 19.64 -25.60
CA MET A 82 -17.11 18.42 -26.24
C MET A 82 -17.42 17.19 -25.42
N GLY A 83 -17.22 17.25 -24.11
CA GLY A 83 -17.46 16.11 -23.26
C GLY A 83 -16.84 16.32 -21.89
N ALA A 84 -16.73 15.24 -21.13
CA ALA A 84 -16.18 15.27 -19.79
C ALA A 84 -14.96 14.36 -19.70
N LEU A 85 -13.95 14.81 -18.97
CA LEU A 85 -12.71 14.06 -18.78
C LEU A 85 -12.48 13.85 -17.29
N LEU A 86 -11.93 12.69 -16.94
CA LEU A 86 -11.71 12.30 -15.56
C LEU A 86 -10.21 12.34 -15.23
N GLN A 87 -9.89 12.90 -14.07
CA GLN A 87 -8.51 13.03 -13.64
C GLN A 87 -8.06 11.75 -12.93
N ARG A 88 -6.76 11.49 -12.98
CA ARG A 88 -6.20 10.39 -12.22
C ARG A 88 -6.34 10.66 -10.73
N LYS A 89 -6.70 9.62 -9.98
CA LYS A 89 -6.96 9.79 -8.56
C LYS A 89 -5.68 10.11 -7.80
N SER A 90 -5.81 10.97 -6.80
CA SER A 90 -4.70 11.34 -5.92
C SER A 90 -5.08 10.99 -4.50
N GLU A 91 -4.17 10.32 -3.79
CA GLU A 91 -4.44 9.83 -2.45
C GLU A 91 -4.13 10.91 -1.43
N ILE A 92 -5.13 11.31 -0.66
CA ILE A 92 -5.00 12.31 0.39
C ILE A 92 -5.11 11.60 1.73
N GLN A 93 -4.00 11.48 2.44
CA GLN A 93 -3.97 10.84 3.75
C GLN A 93 -3.90 11.90 4.84
N VAL A 94 -4.57 11.65 5.95
CA VAL A 94 -4.62 12.56 7.09
C VAL A 94 -3.95 11.90 8.27
N ALA A 95 -3.11 12.67 8.97
CA ALA A 95 -2.40 12.17 10.14
C ALA A 95 -3.30 12.27 11.36
N TYR A 96 -3.58 11.13 11.99
CA TYR A 96 -4.43 11.08 13.17
CA TYR A 96 -4.46 11.05 13.15
C TYR A 96 -3.95 9.96 14.08
N MET A 97 -4.23 10.12 15.38
CA MET A 97 -3.83 9.12 16.36
C MET A 97 -4.87 9.09 17.47
N GLY A 98 -5.63 7.99 17.54
CA GLY A 98 -6.59 7.80 18.59
C GLY A 98 -5.95 7.25 19.86
N ASN A 99 -6.82 6.78 20.74
CA ASN A 99 -6.39 6.20 22.01
C ASN A 99 -6.56 4.68 21.97
N PHE A 100 -5.86 4.01 22.89
CA PHE A 100 -6.08 2.59 23.09
C PHE A 100 -7.38 2.37 23.84
N MET A 101 -7.86 1.13 23.79
CA MET A 101 -8.99 0.74 24.63
C MET A 101 -8.49 0.54 26.06
N ASP A 102 -9.02 1.34 26.99
CA ASP A 102 -8.49 1.37 28.35
C ASP A 102 -8.85 0.12 29.14
N THR A 103 -8.39 -1.03 28.66
CA THR A 103 -8.61 -2.31 29.34
C THR A 103 -7.32 -3.12 29.29
N ASP A 104 -6.77 -3.42 30.45
CA ASP A 104 -5.54 -4.20 30.51
C ASP A 104 -5.79 -5.64 30.08
N GLN A 105 -4.73 -6.29 29.59
CA GLN A 105 -4.80 -7.67 29.14
C GLN A 105 -3.84 -8.52 29.96
N ARG A 106 -3.96 -9.84 29.78
CA ARG A 106 -3.13 -10.81 30.48
C ARG A 106 -2.65 -11.86 29.50
N LYS A 107 -1.50 -12.45 29.79
CA LYS A 107 -0.95 -13.50 28.95
C LYS A 107 0.02 -14.33 29.76
N THR A 108 -0.01 -15.65 29.55
CA THR A 108 0.87 -16.58 30.23
C THR A 108 1.67 -17.35 29.19
N VAL A 109 2.97 -17.50 29.43
CA VAL A 109 3.86 -18.24 28.56
C VAL A 109 4.71 -19.19 29.40
N SER A 110 4.94 -20.39 28.89
CA SER A 110 5.77 -21.36 29.60
C SER A 110 7.24 -20.91 29.58
N GLN A 111 7.93 -21.22 30.67
CA GLN A 111 9.32 -20.80 30.81
C GLN A 111 10.19 -21.43 29.72
N GLY A 112 11.07 -20.63 29.13
CA GLY A 112 11.93 -21.08 28.06
C GLY A 112 11.39 -20.85 26.67
N HIS A 113 10.07 -20.75 26.52
CA HIS A 113 9.47 -20.50 25.23
C HIS A 113 9.34 -19.00 24.97
N ALA A 114 9.25 -18.64 23.70
CA ALA A 114 9.15 -17.24 23.32
C ALA A 114 7.77 -16.69 23.67
N ALA A 115 7.74 -15.40 24.01
CA ALA A 115 6.52 -14.70 24.36
C ALA A 115 6.33 -13.54 23.40
N LEU A 116 5.19 -13.52 22.70
CA LEU A 116 4.86 -12.47 21.76
C LEU A 116 3.78 -11.58 22.36
N LEU A 117 4.08 -10.30 22.49
CA LEU A 117 3.14 -9.31 23.02
C LEU A 117 2.75 -8.38 21.89
N ASN A 118 1.49 -8.47 21.46
CA ASN A 118 1.01 -7.65 20.37
C ASN A 118 0.68 -6.24 20.85
N LEU A 119 1.03 -5.25 20.03
CA LEU A 119 0.63 -3.88 20.30
C LEU A 119 -0.90 -3.79 20.37
N LEU A 120 -1.40 -3.25 21.48
CA LEU A 120 -2.84 -3.19 21.69
C LEU A 120 -3.50 -2.37 20.58
N PRO A 121 -4.74 -2.70 20.22
CA PRO A 121 -5.38 -2.03 19.09
C PRO A 121 -5.44 -0.52 19.26
N ILE A 122 -4.98 0.20 18.24
CA ILE A 122 -5.01 1.66 18.22
C ILE A 122 -5.12 2.11 16.77
N VAL A 123 -6.00 3.06 16.51
CA VAL A 123 -6.21 3.58 15.17
C VAL A 123 -5.27 4.76 14.95
N SER A 124 -4.39 4.64 13.96
CA SER A 124 -3.41 5.67 13.69
C SER A 124 -2.94 5.55 12.24
N CYS A 125 -2.83 6.68 11.57
CA CYS A 125 -2.27 6.72 10.22
C CYS A 125 -1.14 7.74 10.14
N PRO A 126 0.10 7.25 10.01
CA PRO A 126 0.45 5.82 9.91
C PRO A 126 0.53 5.15 11.27
N GLN A 127 0.88 3.87 11.28
CA GLN A 127 1.03 3.15 12.54
C GLN A 127 2.21 3.73 13.31
N PRO A 128 2.05 4.00 14.60
CA PRO A 128 3.10 4.71 15.34
C PRO A 128 4.29 3.82 15.64
N GLN A 129 5.43 4.48 15.87
CA GLN A 129 6.61 3.79 16.36
C GLN A 129 6.46 3.54 17.86
N VAL A 130 6.91 2.38 18.31
CA VAL A 130 6.58 1.87 19.63
C VAL A 130 7.84 1.71 20.45
N THR A 131 7.78 2.11 21.72
CA THR A 131 8.84 1.92 22.69
C THR A 131 8.28 1.09 23.84
N TRP A 132 8.80 -0.14 24.00
CA TRP A 132 8.25 -1.05 25.00
C TRP A 132 8.87 -0.81 26.37
N PHE A 133 8.06 -0.96 27.41
CA PHE A 133 8.49 -0.81 28.78
C PHE A 133 8.00 -1.99 29.61
N ARG A 134 8.67 -2.22 30.73
CA ARG A 134 8.23 -3.18 31.74
C ARG A 134 8.30 -2.47 33.10
N GLU A 135 7.16 -1.92 33.52
CA GLU A 135 7.04 -1.21 34.80
C GLU A 135 8.05 -0.06 34.89
N GLY A 136 8.09 0.75 33.83
CA GLY A 136 8.91 1.94 33.78
C GLY A 136 10.24 1.74 33.07
N HIS A 137 10.79 0.54 33.08
CA HIS A 137 12.09 0.27 32.48
C HIS A 137 11.93 -0.02 30.99
N LYS A 138 12.70 0.70 30.18
CA LYS A 138 12.63 0.54 28.73
C LYS A 138 13.26 -0.78 28.31
N ILE A 139 12.67 -1.42 27.30
CA ILE A 139 13.15 -2.69 26.78
C ILE A 139 13.89 -2.43 25.48
N ILE A 140 15.18 -2.76 25.46
CA ILE A 140 16.02 -2.54 24.29
C ILE A 140 16.18 -3.88 23.57
N PRO A 141 16.08 -3.91 22.24
CA PRO A 141 16.30 -5.17 21.51
C PRO A 141 17.70 -5.70 21.75
N SER A 142 17.78 -6.98 22.09
CA SER A 142 19.06 -7.63 22.37
C SER A 142 19.10 -8.96 21.61
N SER A 143 19.97 -9.87 22.05
CA SER A 143 20.07 -11.17 21.39
C SER A 143 18.86 -12.03 21.65
N ARG A 144 18.14 -11.81 22.75
CA ARG A 144 16.95 -12.59 23.08
C ARG A 144 15.67 -11.75 23.08
N ILE A 145 15.74 -10.48 22.71
CA ILE A 145 14.57 -9.60 22.66
C ILE A 145 14.53 -8.92 21.31
N ALA A 146 13.38 -8.94 20.67
CA ALA A 146 13.21 -8.36 19.35
C ALA A 146 11.88 -7.62 19.29
N ILE A 147 11.80 -6.67 18.34
CA ILE A 147 10.57 -5.95 18.05
C ILE A 147 10.29 -6.10 16.56
N THR A 148 9.11 -6.63 16.24
CA THR A 148 8.78 -6.92 14.86
C THR A 148 8.42 -5.63 14.10
N LEU A 149 8.29 -5.76 12.78
CA LEU A 149 7.81 -4.65 11.97
C LEU A 149 6.40 -4.24 12.35
N GLU A 150 5.62 -5.15 12.93
CA GLU A 150 4.28 -4.87 13.41
C GLU A 150 4.26 -4.46 14.88
N ASN A 151 5.40 -4.02 15.41
CA ASN A 151 5.51 -3.50 16.78
C ASN A 151 5.18 -4.56 17.83
N GLN A 152 5.44 -5.82 17.52
CA GLN A 152 5.26 -6.90 18.49
C GLN A 152 6.54 -7.10 19.28
N LEU A 153 6.39 -7.27 20.59
CA LEU A 153 7.53 -7.54 21.48
C LEU A 153 7.71 -9.04 21.61
N VAL A 154 8.85 -9.55 21.13
CA VAL A 154 9.17 -10.97 21.16
C VAL A 154 10.29 -11.17 22.18
N ILE A 155 10.00 -11.93 23.23
CA ILE A 155 10.95 -12.22 24.29
C ILE A 155 11.37 -13.68 24.13
N LEU A 156 12.55 -13.90 23.60
CA LEU A 156 13.05 -15.26 23.39
C LEU A 156 13.55 -15.84 24.70
N ALA A 157 13.26 -17.11 24.93
CA ALA A 157 13.69 -17.86 26.11
C ALA A 157 13.31 -17.11 27.39
N THR A 158 12.00 -17.02 27.61
CA THR A 158 11.48 -16.32 28.78
C THR A 158 11.92 -17.00 30.06
N THR A 159 12.06 -16.21 31.12
CA THR A 159 12.47 -16.69 32.43
C THR A 159 11.53 -16.13 33.48
N ALA A 160 11.74 -16.55 34.73
CA ALA A 160 10.92 -16.06 35.83
C ALA A 160 11.08 -14.56 36.04
N SER A 161 12.21 -13.99 35.63
CA SER A 161 12.44 -12.56 35.78
C SER A 161 11.64 -11.72 34.79
N ASP A 162 11.06 -12.34 33.77
CA ASP A 162 10.32 -11.60 32.75
C ASP A 162 8.88 -11.33 33.13
N ALA A 163 8.40 -11.90 34.23
CA ALA A 163 7.03 -11.66 34.66
C ALA A 163 6.87 -10.21 35.11
N GLY A 164 5.78 -9.58 34.68
CA GLY A 164 5.50 -8.21 35.05
C GLY A 164 4.55 -7.57 34.07
N ALA A 165 4.22 -6.32 34.36
CA ALA A 165 3.31 -5.53 33.55
C ALA A 165 4.09 -4.82 32.45
N TYR A 166 3.69 -5.05 31.20
CA TYR A 166 4.33 -4.46 30.03
C TYR A 166 3.39 -3.44 29.40
N TYR A 167 3.98 -2.39 28.83
CA TYR A 167 3.22 -1.36 28.13
C TYR A 167 4.14 -0.70 27.12
N VAL A 168 3.58 0.22 26.34
CA VAL A 168 4.32 0.90 25.28
C VAL A 168 4.06 2.39 25.35
N GLN A 169 4.98 3.15 24.75
CA GLN A 169 4.76 4.56 24.42
C GLN A 169 4.83 4.68 22.90
N ALA A 170 3.68 4.92 22.28
CA ALA A 170 3.60 5.00 20.83
C ALA A 170 3.62 6.46 20.39
N VAL A 171 4.37 6.73 19.33
CA VAL A 171 4.53 8.08 18.80
C VAL A 171 4.25 8.05 17.30
N ASN A 172 3.32 8.89 16.85
CA ASN A 172 3.04 9.03 15.43
C ASN A 172 4.12 9.88 14.79
N GLU A 173 4.81 9.33 13.80
CA GLU A 173 5.97 9.99 13.22
C GLU A 173 5.62 11.16 12.31
N LYS A 174 4.33 11.44 12.09
CA LYS A 174 3.93 12.54 11.22
C LYS A 174 3.43 13.76 11.99
N ASN A 175 2.68 13.58 13.07
CA ASN A 175 2.21 14.70 13.86
C ASN A 175 2.84 14.78 15.25
N GLY A 176 3.63 13.78 15.65
CA GLY A 176 4.36 13.83 16.90
C GLY A 176 3.57 13.48 18.14
N GLU A 177 2.27 13.23 18.02
CA GLU A 177 1.46 12.90 19.19
C GLU A 177 1.89 11.56 19.78
N ASN A 178 1.74 11.42 21.09
CA ASN A 178 2.11 10.21 21.79
C ASN A 178 0.93 9.70 22.62
N LYS A 179 0.85 8.39 22.76
CA LYS A 179 -0.17 7.73 23.57
C LYS A 179 0.48 6.58 24.34
N THR A 180 0.04 6.39 25.58
CA THR A 180 0.55 5.34 26.44
C THR A 180 -0.49 4.23 26.56
N SER A 181 -0.07 3.00 26.34
CA SER A 181 -0.93 1.84 26.28
C SER A 181 -1.18 1.26 27.67
N PRO A 182 -2.34 0.61 27.87
CA PRO A 182 -2.57 -0.14 29.11
C PRO A 182 -1.61 -1.31 29.25
N PHE A 183 -1.70 -2.04 30.36
CA PHE A 183 -0.71 -3.05 30.69
C PHE A 183 -1.07 -4.41 30.08
N ILE A 184 -0.04 -5.15 29.70
CA ILE A 184 -0.14 -6.56 29.37
C ILE A 184 0.57 -7.31 30.49
N HIS A 185 -0.20 -7.87 31.41
CA HIS A 185 0.39 -8.56 32.56
C HIS A 185 0.88 -9.93 32.12
N LEU A 186 2.20 -10.09 32.04
CA LEU A 186 2.81 -11.33 31.57
C LEU A 186 3.17 -12.21 32.76
N SER A 187 2.75 -13.47 32.69
CA SER A 187 3.06 -14.46 33.70
C SER A 187 3.85 -15.59 33.05
N VAL A 188 4.93 -16.01 33.70
CA VAL A 188 5.80 -17.07 33.19
C VAL A 188 5.58 -18.30 34.05
N ALA A 189 5.08 -19.37 33.44
CA ALA A 189 4.79 -20.61 34.14
C ALA A 189 5.93 -21.60 33.97
N ARG A 190 6.29 -22.26 35.07
CA ARG A 190 7.41 -23.21 35.05
C ARG A 190 6.98 -24.52 34.40
N ASP A 191 7.75 -24.94 33.38
CA ASP A 191 7.65 -26.26 32.82
C ASP A 191 8.89 -27.05 33.21
N THR A 192 8.73 -28.36 33.34
CA THR A 192 9.80 -29.20 33.87
C THR A 192 11.05 -29.11 33.01
N GLY A 193 12.22 -29.14 33.67
CA GLY A 193 13.49 -28.81 33.05
C GLY A 193 14.00 -29.72 31.96
N THR A 194 13.24 -29.85 30.87
CA THR A 194 13.82 -30.35 29.63
C THR A 194 14.55 -29.24 28.89
N HIS A 195 14.14 -28.00 29.12
CA HIS A 195 14.65 -26.82 28.43
C HIS A 195 16.08 -26.48 28.80
N GLU A 196 17.04 -27.31 28.38
CA GLU A 196 18.44 -26.95 28.46
C GLU A 196 19.04 -26.62 27.10
N ALA A 197 18.70 -27.38 26.07
CA ALA A 197 19.06 -27.08 24.69
C ALA A 197 17.80 -27.21 23.86
N MET A 198 17.30 -26.09 23.35
CA MET A 198 16.09 -26.05 22.54
C MET A 198 16.46 -25.93 21.07
N ALA A 199 15.84 -26.78 20.25
CA ALA A 199 16.09 -26.74 18.82
C ALA A 199 15.62 -25.40 18.25
N PRO A 200 16.32 -24.85 17.26
CA PRO A 200 15.91 -23.55 16.70
C PRO A 200 14.57 -23.66 15.99
N ILE A 201 13.62 -22.84 16.43
CA ILE A 201 12.27 -22.82 15.86
C ILE A 201 11.93 -21.39 15.50
N ILE A 202 11.44 -21.19 14.27
CA ILE A 202 11.13 -19.86 13.77
C ILE A 202 9.81 -19.39 14.38
N VAL A 203 9.85 -18.24 15.04
CA VAL A 203 8.66 -17.68 15.69
C VAL A 203 7.92 -16.74 14.76
N VAL A 204 8.63 -15.79 14.16
CA VAL A 204 8.05 -14.84 13.22
C VAL A 204 8.69 -15.09 11.86
N ALA A 205 7.93 -15.64 10.92
CA ALA A 205 8.46 -16.01 9.62
C ALA A 205 8.24 -14.88 8.60
N PRO A 206 9.14 -14.75 7.62
CA PRO A 206 8.97 -13.72 6.58
C PRO A 206 7.94 -14.17 5.55
N GLY A 207 6.84 -13.43 5.46
CA GLY A 207 5.80 -13.76 4.50
C GLY A 207 6.13 -13.27 3.11
N ASN A 208 5.22 -13.57 2.18
CA ASN A 208 5.38 -13.10 0.81
C ASN A 208 5.31 -11.58 0.77
N ARG A 209 6.18 -10.97 -0.04
CA ARG A 209 6.29 -9.52 -0.11
C ARG A 209 6.46 -9.09 -1.56
N SER A 210 5.78 -8.01 -1.93
CA SER A 210 5.89 -7.42 -3.25
C SER A 210 6.03 -5.90 -3.12
N VAL A 211 6.90 -5.31 -3.93
CA VAL A 211 7.23 -3.90 -3.84
C VAL A 211 7.29 -3.28 -5.23
N VAL A 212 7.24 -1.95 -5.25
CA VAL A 212 7.22 -1.18 -6.49
C VAL A 212 8.62 -1.12 -7.09
N ALA A 213 8.68 -1.08 -8.42
CA ALA A 213 9.97 -0.97 -9.10
C ALA A 213 10.58 0.39 -8.86
N GLY A 214 11.90 0.41 -8.66
CA GLY A 214 12.61 1.64 -8.36
C GLY A 214 12.42 2.18 -6.96
N SER A 215 11.66 1.49 -6.12
CA SER A 215 11.44 1.94 -4.75
C SER A 215 12.77 1.94 -3.97
N SER A 216 12.78 2.71 -2.88
CA SER A 216 14.01 2.89 -2.12
C SER A 216 14.49 1.57 -1.54
N GLU A 217 13.68 0.94 -0.68
CA GLU A 217 14.11 -0.27 -0.02
C GLU A 217 12.89 -1.06 0.46
N THR A 218 13.12 -2.35 0.72
CA THR A 218 12.15 -3.22 1.34
C THR A 218 12.87 -4.10 2.35
N THR A 219 12.16 -4.54 3.38
CA THR A 219 12.76 -5.25 4.49
C THR A 219 11.95 -6.49 4.83
N LEU A 220 12.59 -7.64 4.83
CA LEU A 220 12.00 -8.89 5.29
C LEU A 220 12.49 -9.19 6.70
N GLU A 221 11.62 -9.81 7.50
CA GLU A 221 11.92 -10.07 8.90
C GLU A 221 11.74 -11.54 9.21
N CYS A 222 12.67 -12.10 9.98
CA CYS A 222 12.64 -13.52 10.34
C CYS A 222 13.24 -13.68 11.73
N ILE A 223 12.39 -14.03 12.71
CA ILE A 223 12.80 -14.18 14.10
C ILE A 223 12.68 -15.64 14.50
N ALA A 224 13.66 -16.12 15.26
CA ALA A 224 13.67 -17.51 15.71
C ALA A 224 13.98 -17.55 17.20
N ASN A 225 13.72 -18.71 17.80
CA ASN A 225 13.93 -18.94 19.22
C ASN A 225 14.70 -20.24 19.41
N ALA A 226 15.62 -20.23 20.36
CA ALA A 226 16.41 -21.41 20.70
C ALA A 226 17.11 -21.16 22.02
N ARG A 227 17.67 -22.23 22.60
CA ARG A 227 18.43 -22.11 23.83
C ARG A 227 19.69 -22.98 23.76
N PRO A 228 20.85 -22.41 24.14
CA PRO A 228 21.03 -21.02 24.60
C PRO A 228 20.94 -20.00 23.47
N VAL A 229 20.30 -18.86 23.75
CA VAL A 229 20.02 -17.88 22.71
C VAL A 229 21.28 -17.19 22.23
N GLU A 230 22.34 -17.14 23.04
CA GLU A 230 23.56 -16.48 22.61
C GLU A 230 24.24 -17.23 21.46
N GLU A 231 24.01 -18.53 21.36
CA GLU A 231 24.56 -19.32 20.27
C GLU A 231 23.65 -19.38 19.06
N LEU A 232 22.54 -18.65 19.08
CA LEU A 232 21.60 -18.64 17.96
C LEU A 232 22.09 -17.69 16.88
N SER A 233 22.12 -18.17 15.64
CA SER A 233 22.58 -17.39 14.50
C SER A 233 21.54 -17.47 13.39
N VAL A 234 21.05 -16.31 12.95
CA VAL A 234 20.06 -16.23 11.88
C VAL A 234 20.74 -15.68 10.65
N HIS A 235 20.69 -16.44 9.55
CA HIS A 235 21.31 -16.07 8.29
C HIS A 235 20.26 -16.06 7.19
N TRP A 236 20.65 -15.51 6.04
CA TRP A 236 19.77 -15.41 4.88
C TRP A 236 20.48 -16.00 3.67
N LYS A 237 19.76 -16.81 2.90
CA LYS A 237 20.30 -17.47 1.72
C LYS A 237 19.45 -17.15 0.50
N ARG A 238 20.11 -17.10 -0.66
CA ARG A 238 19.42 -16.98 -1.94
C ARG A 238 20.18 -17.81 -2.96
N ASN A 239 19.46 -18.62 -3.73
CA ASN A 239 20.05 -19.58 -4.66
C ASN A 239 21.02 -20.52 -3.95
N GLY A 240 20.77 -20.78 -2.66
CA GLY A 240 21.67 -21.58 -1.86
C GLY A 240 22.92 -20.87 -1.39
N VAL A 241 23.00 -19.55 -1.58
CA VAL A 241 24.18 -18.77 -1.22
C VAL A 241 23.82 -17.84 -0.08
N ARG A 242 24.59 -17.91 1.00
CA ARG A 242 24.34 -17.07 2.16
C ARG A 242 24.70 -15.61 1.86
N LEU A 243 23.89 -14.69 2.37
CA LEU A 243 24.05 -13.27 2.11
C LEU A 243 24.92 -12.62 3.19
N THR A 244 25.36 -11.40 2.89
CA THR A 244 26.24 -10.65 3.78
C THR A 244 25.79 -9.21 3.97
N SER A 245 25.34 -8.55 2.91
CA SER A 245 24.95 -7.14 2.96
C SER A 245 23.44 -7.01 3.12
N GLY A 246 23.03 -5.93 3.77
CA GLY A 246 21.62 -5.64 3.98
C GLY A 246 21.04 -6.18 5.27
N LEU A 247 21.85 -6.85 6.10
CA LEU A 247 21.34 -7.45 7.32
C LEU A 247 21.27 -6.43 8.44
N HIS A 248 20.28 -6.59 9.32
CA HIS A 248 20.06 -5.67 10.43
C HIS A 248 19.43 -6.43 11.59
N SER A 249 19.58 -5.86 12.79
CA SER A 249 18.92 -6.32 14.01
C SER A 249 19.23 -7.80 14.28
N TYR A 250 20.50 -8.04 14.59
CA TYR A 250 20.98 -9.38 14.96
C TYR A 250 20.69 -10.40 13.87
N GLY A 251 20.82 -9.97 12.61
CA GLY A 251 20.57 -10.85 11.49
C GLY A 251 19.12 -11.22 11.26
N ARG A 252 18.18 -10.54 11.92
CA ARG A 252 16.77 -10.86 11.81
C ARG A 252 16.06 -10.09 10.70
N ARG A 253 16.66 -9.02 10.18
CA ARG A 253 16.04 -8.21 9.14
C ARG A 253 16.97 -8.08 7.95
N LEU A 254 16.46 -8.43 6.77
CA LEU A 254 17.18 -8.32 5.51
C LEU A 254 16.54 -7.22 4.67
N THR A 255 17.33 -6.21 4.31
CA THR A 255 16.83 -5.06 3.56
C THR A 255 17.38 -5.12 2.14
N ILE A 256 16.48 -5.25 1.17
CA ILE A 256 16.83 -5.18 -0.24
C ILE A 256 16.53 -3.77 -0.73
N THR A 257 17.58 -3.02 -1.03
CA THR A 257 17.44 -1.62 -1.44
C THR A 257 17.46 -1.52 -2.96
N ASN A 258 16.57 -0.69 -3.50
CA ASN A 258 16.41 -0.46 -4.93
C ASN A 258 16.29 -1.78 -5.68
N PRO A 259 15.20 -2.52 -5.48
CA PRO A 259 15.07 -3.83 -6.14
C PRO A 259 14.61 -3.70 -7.58
N THR A 260 15.15 -4.56 -8.42
CA THR A 260 14.81 -4.61 -9.83
C THR A 260 14.27 -6.01 -10.17
N SER A 261 14.09 -6.27 -11.46
CA SER A 261 13.65 -7.59 -11.90
C SER A 261 14.66 -8.69 -11.61
N ALA A 262 15.90 -8.33 -11.30
CA ALA A 262 16.91 -9.31 -10.93
C ALA A 262 16.88 -9.68 -9.44
N ASP A 263 16.11 -8.95 -8.63
CA ASP A 263 16.00 -9.23 -7.21
C ASP A 263 14.75 -10.02 -6.86
N THR A 264 13.91 -10.35 -7.83
CA THR A 264 12.74 -11.16 -7.57
C THR A 264 13.13 -12.62 -7.36
N GLY A 265 12.24 -13.38 -6.72
CA GLY A 265 12.45 -14.79 -6.50
C GLY A 265 12.34 -15.15 -5.03
N MET A 266 13.03 -16.23 -4.66
CA MET A 266 12.94 -16.80 -3.33
C MET A 266 14.12 -16.34 -2.47
N TYR A 267 13.81 -15.93 -1.25
CA TYR A 267 14.81 -15.68 -0.21
C TYR A 267 14.53 -16.62 0.95
N VAL A 268 15.56 -17.28 1.47
CA VAL A 268 15.44 -18.30 2.48
C VAL A 268 16.06 -17.80 3.77
N CYS A 269 15.33 -17.93 4.88
CA CYS A 269 15.83 -17.61 6.21
C CYS A 269 16.24 -18.90 6.91
N GLU A 270 17.48 -18.95 7.39
CA GLU A 270 18.03 -20.15 8.02
C GLU A 270 18.57 -19.80 9.39
N ALA A 271 17.95 -20.36 10.43
CA ALA A 271 18.36 -20.13 11.81
C ALA A 271 19.05 -21.38 12.33
N THR A 272 20.28 -21.21 12.81
CA THR A 272 21.08 -22.32 13.31
C THR A 272 21.46 -22.09 14.76
N LEU A 273 21.78 -23.17 15.45
CA LEU A 273 22.26 -23.13 16.83
C LEU A 273 23.70 -23.63 16.83
N ARG A 274 24.64 -22.71 17.04
CA ARG A 274 26.05 -23.04 16.96
C ARG A 274 26.44 -24.03 18.05
N GLY A 275 27.39 -24.91 17.72
CA GLY A 275 27.82 -25.93 18.67
C GLY A 275 26.79 -27.01 18.93
N SER A 276 25.79 -27.14 18.06
CA SER A 276 24.74 -28.13 18.24
C SER A 276 24.52 -28.89 16.94
N THR A 277 23.98 -30.09 17.07
CA THR A 277 23.67 -30.95 15.93
C THR A 277 22.23 -30.80 15.47
N PHE A 278 21.51 -29.80 15.96
CA PHE A 278 20.12 -29.60 15.57
C PHE A 278 20.03 -29.24 14.09
N GLU A 279 18.89 -29.57 13.50
CA GLU A 279 18.65 -29.21 12.10
C GLU A 279 18.28 -27.74 12.02
N PRO A 280 18.87 -26.98 11.09
CA PRO A 280 18.55 -25.56 10.97
C PRO A 280 17.09 -25.35 10.58
N ALA A 281 16.45 -24.39 11.25
CA ALA A 281 15.07 -24.03 10.92
C ALA A 281 15.07 -23.08 9.74
N ARG A 282 14.31 -23.43 8.69
CA ARG A 282 14.30 -22.67 7.46
C ARG A 282 12.89 -22.17 7.15
N ALA A 283 12.83 -20.99 6.54
CA ALA A 283 11.57 -20.39 6.12
C ALA A 283 11.74 -19.84 4.71
N ARG A 284 10.63 -19.78 3.98
CA ARG A 284 10.63 -19.28 2.61
C ARG A 284 9.96 -17.92 2.56
N ALA A 285 10.51 -17.04 1.72
CA ALA A 285 9.93 -15.72 1.48
C ALA A 285 10.14 -15.37 0.02
N PHE A 286 9.07 -14.92 -0.64
CA PHE A 286 9.10 -14.64 -2.07
C PHE A 286 8.95 -13.15 -2.31
N LEU A 287 9.96 -12.55 -2.93
CA LEU A 287 9.96 -11.14 -3.26
C LEU A 287 9.56 -10.96 -4.71
N SER A 288 8.54 -10.14 -4.94
CA SER A 288 8.02 -9.87 -6.27
C SER A 288 8.10 -8.38 -6.57
N ILE A 289 8.40 -8.05 -7.82
CA ILE A 289 8.49 -6.68 -8.29
C ILE A 289 7.29 -6.39 -9.15
N ILE A 290 6.51 -5.38 -8.77
CA ILE A 290 5.35 -4.95 -9.54
C ILE A 290 5.74 -3.78 -10.42
N GLU A 291 5.36 -3.85 -11.70
CA GLU A 291 5.67 -2.78 -12.64
C GLU A 291 4.45 -1.93 -12.87
N PRO A 292 4.56 -0.60 -12.77
CA PRO A 292 3.40 0.25 -13.03
C PRO A 292 2.97 0.13 -14.49
N PRO A 293 1.69 0.34 -14.78
CA PRO A 293 1.22 0.16 -16.16
C PRO A 293 1.66 1.31 -17.05
N TYR A 294 2.06 0.96 -18.27
CA TYR A 294 2.41 1.95 -19.29
C TYR A 294 1.88 1.49 -20.63
N PHE A 295 1.30 2.43 -21.38
CA PHE A 295 0.65 2.10 -22.63
C PHE A 295 1.68 1.81 -23.73
N THR A 296 1.43 0.74 -24.49
CA THR A 296 2.16 0.46 -25.72
C THR A 296 1.36 0.84 -26.95
N ALA A 297 0.11 1.26 -26.77
CA ALA A 297 -0.74 1.68 -27.89
C ALA A 297 -1.83 2.57 -27.35
N GLU A 298 -1.89 3.81 -27.84
CA GLU A 298 -2.88 4.78 -27.40
C GLU A 298 -3.73 5.25 -28.57
N PRO A 299 -5.01 5.51 -28.35
CA PRO A 299 -5.85 6.01 -29.44
C PRO A 299 -5.51 7.46 -29.75
N GLU A 300 -5.63 7.80 -31.04
CA GLU A 300 -5.35 9.16 -31.47
C GLU A 300 -6.33 10.14 -30.83
N SER A 301 -5.89 11.38 -30.67
CA SER A 301 -6.64 12.37 -29.90
C SER A 301 -8.06 12.55 -30.43
N ARG A 302 -8.25 12.45 -31.74
CA ARG A 302 -9.58 12.56 -32.34
C ARG A 302 -9.73 11.53 -33.43
N ILE A 303 -10.93 10.95 -33.53
CA ILE A 303 -11.23 9.93 -34.52
C ILE A 303 -12.60 10.22 -35.12
N LEU A 304 -12.69 10.15 -36.45
CA LEU A 304 -13.96 10.35 -37.14
C LEU A 304 -14.73 9.04 -37.21
N GLY A 305 -16.05 9.15 -37.25
CA GLY A 305 -16.90 7.98 -37.30
C GLY A 305 -18.19 8.18 -38.09
N GLU A 306 -18.37 7.40 -39.14
CA GLU A 306 -19.60 7.44 -39.92
C GLU A 306 -20.71 6.70 -39.18
N VAL A 307 -21.93 7.23 -39.27
CA VAL A 307 -23.05 6.66 -38.53
C VAL A 307 -23.26 5.20 -38.92
N GLU A 308 -23.34 4.33 -37.92
CA GLU A 308 -23.61 2.91 -38.12
C GLU A 308 -22.52 2.25 -38.96
N GLU A 309 -21.28 2.42 -38.52
CA GLU A 309 -20.13 1.78 -39.15
C GLU A 309 -19.20 1.27 -38.06
N THR A 310 -18.46 0.21 -38.38
CA THR A 310 -17.60 -0.42 -37.39
C THR A 310 -16.50 0.54 -36.94
N MET A 311 -16.03 0.34 -35.71
CA MET A 311 -15.03 1.21 -35.12
C MET A 311 -14.29 0.48 -34.02
N ASP A 312 -12.97 0.53 -34.05
CA ASP A 312 -12.11 -0.06 -33.02
C ASP A 312 -11.23 1.03 -32.43
N ILE A 313 -11.24 1.14 -31.11
CA ILE A 313 -10.48 2.15 -30.39
C ILE A 313 -9.40 1.46 -29.55
N PRO A 314 -8.14 1.48 -29.99
CA PRO A 314 -7.11 0.67 -29.33
C PRO A 314 -6.70 1.25 -27.98
N CYS A 315 -6.29 0.34 -27.09
CA CYS A 315 -5.81 0.74 -25.77
C CYS A 315 -5.14 -0.49 -25.14
N ARG A 316 -3.82 -0.58 -25.30
CA ARG A 316 -3.03 -1.69 -24.80
C ARG A 316 -1.98 -1.16 -23.85
N ALA A 317 -1.78 -1.88 -22.74
CA ALA A 317 -0.83 -1.48 -21.70
C ALA A 317 -0.13 -2.73 -21.17
N MET A 318 1.11 -2.54 -20.70
CA MET A 318 1.93 -3.60 -20.15
C MET A 318 2.34 -3.28 -18.72
N GLY A 319 2.82 -4.30 -18.03
CA GLY A 319 3.22 -4.20 -16.64
C GLY A 319 2.80 -5.45 -15.88
N VAL A 320 3.51 -5.71 -14.79
CA VAL A 320 3.22 -6.89 -13.97
C VAL A 320 2.68 -6.48 -12.60
N PRO A 321 1.55 -7.08 -12.19
CA PRO A 321 0.73 -8.01 -12.97
C PRO A 321 0.01 -7.30 -14.11
N LEU A 322 -0.64 -8.06 -14.99
CA LEU A 322 -1.27 -7.47 -16.16
C LEU A 322 -2.24 -6.38 -15.75
N PRO A 323 -2.19 -5.20 -16.36
CA PRO A 323 -3.10 -4.12 -15.98
C PRO A 323 -4.54 -4.46 -16.33
N THR A 324 -5.45 -4.00 -15.47
CA THR A 324 -6.88 -4.14 -15.69
C THR A 324 -7.42 -2.83 -16.25
N LEU A 325 -8.17 -2.92 -17.35
CA LEU A 325 -8.63 -1.76 -18.09
C LEU A 325 -10.14 -1.58 -17.93
N GLN A 326 -10.55 -0.33 -17.70
CA GLN A 326 -11.96 0.03 -17.69
C GLN A 326 -12.14 1.34 -18.44
N TRP A 327 -13.29 1.49 -19.08
CA TRP A 327 -13.55 2.61 -19.97
C TRP A 327 -14.56 3.58 -19.37
N TYR A 328 -14.58 4.79 -19.94
CA TYR A 328 -15.49 5.84 -19.54
C TYR A 328 -15.97 6.59 -20.77
N LYS A 329 -17.23 7.00 -20.76
CA LYS A 329 -17.82 7.83 -21.81
C LYS A 329 -18.26 9.12 -21.13
N ASP A 330 -17.51 10.20 -21.35
CA ASP A 330 -17.73 11.48 -20.68
C ASP A 330 -17.75 11.30 -19.17
N ALA A 331 -16.67 10.69 -18.66
CA ALA A 331 -16.49 10.48 -17.21
C ALA A 331 -17.61 9.64 -16.61
N VAL A 332 -18.10 8.67 -17.38
CA VAL A 332 -19.13 7.75 -16.90
C VAL A 332 -18.72 6.33 -17.30
N PRO A 333 -18.64 5.39 -16.35
CA PRO A 333 -18.16 4.05 -16.69
C PRO A 333 -19.11 3.34 -17.64
N LEU A 334 -18.53 2.59 -18.59
CA LEU A 334 -19.35 1.81 -19.52
C LEU A 334 -20.08 0.70 -18.80
N SER A 335 -19.56 0.24 -17.66
CA SER A 335 -20.26 -0.76 -16.87
C SER A 335 -21.59 -0.23 -16.35
N LYS A 336 -21.60 1.03 -15.90
CA LYS A 336 -22.83 1.68 -15.45
C LYS A 336 -23.57 2.37 -16.59
N LEU A 337 -22.97 2.47 -17.77
CA LEU A 337 -23.65 3.12 -18.90
C LEU A 337 -24.70 2.19 -19.52
N GLN A 338 -24.45 0.88 -19.52
CA GLN A 338 -25.42 -0.12 -19.96
C GLN A 338 -25.87 0.14 -21.40
N ASN A 339 -24.89 0.10 -22.31
CA ASN A 339 -25.17 0.25 -23.73
C ASN A 339 -24.63 -0.95 -24.49
N PRO A 340 -25.49 -1.76 -25.12
CA PRO A 340 -24.99 -2.90 -25.90
C PRO A 340 -24.24 -2.49 -27.17
N ARG A 341 -24.24 -1.21 -27.53
CA ARG A 341 -23.50 -0.77 -28.70
C ARG A 341 -22.00 -0.98 -28.52
N TYR A 342 -21.48 -0.64 -27.34
CA TYR A 342 -20.06 -0.78 -27.06
C TYR A 342 -19.77 -2.16 -26.50
N LYS A 343 -18.62 -2.72 -26.86
CA LYS A 343 -18.22 -4.05 -26.42
C LYS A 343 -16.72 -4.06 -26.16
N VAL A 344 -16.33 -4.46 -24.96
CA VAL A 344 -14.92 -4.44 -24.57
C VAL A 344 -14.16 -5.56 -25.28
N LEU A 345 -12.89 -5.29 -25.60
CA LEU A 345 -12.03 -6.21 -26.32
C LEU A 345 -10.97 -6.77 -25.38
N PRO A 346 -10.74 -8.10 -25.39
CA PRO A 346 -9.70 -8.65 -24.51
C PRO A 346 -8.29 -8.20 -24.88
N SER A 347 -8.00 -8.03 -26.17
CA SER A 347 -6.68 -7.59 -26.57
C SER A 347 -6.34 -6.22 -26.00
N GLY A 348 -7.35 -5.40 -25.74
CA GLY A 348 -7.13 -4.13 -25.09
C GLY A 348 -8.17 -3.06 -25.38
N GLY A 349 -8.51 -2.89 -26.66
CA GLY A 349 -9.32 -1.78 -27.09
C GLY A 349 -10.80 -1.94 -26.83
N LEU A 350 -11.58 -1.13 -27.56
CA LEU A 350 -13.04 -1.14 -27.49
C LEU A 350 -13.59 -1.26 -28.90
N HIS A 351 -14.68 -2.01 -29.04
CA HIS A 351 -15.29 -2.26 -30.34
C HIS A 351 -16.72 -1.74 -30.33
N ILE A 352 -17.00 -0.78 -31.23
CA ILE A 352 -18.33 -0.23 -31.41
C ILE A 352 -18.72 -0.47 -32.86
N GLN A 353 -19.70 -1.34 -33.07
CA GLN A 353 -20.12 -1.72 -34.41
C GLN A 353 -21.14 -0.74 -35.01
N LYS A 354 -22.21 -0.44 -34.27
CA LYS A 354 -23.25 0.47 -34.74
C LYS A 354 -23.11 1.79 -33.99
N LEU A 355 -22.95 2.88 -34.75
CA LEU A 355 -22.77 4.20 -34.16
C LEU A 355 -24.11 4.91 -34.04
N SER A 356 -24.06 6.11 -33.45
CA SER A 356 -25.25 6.91 -33.18
C SER A 356 -24.81 8.32 -32.86
N PRO A 357 -25.66 9.32 -33.13
CA PRO A 357 -25.29 10.70 -32.75
C PRO A 357 -25.01 10.88 -31.26
N GLU A 358 -25.50 9.98 -30.41
CA GLU A 358 -25.22 10.06 -28.98
C GLU A 358 -23.85 9.50 -28.62
N ASP A 359 -23.25 8.71 -29.50
CA ASP A 359 -21.94 8.14 -29.23
C ASP A 359 -20.82 9.17 -29.28
N SER A 360 -21.07 10.37 -29.81
CA SER A 360 -20.05 11.40 -29.86
C SER A 360 -19.75 11.92 -28.47
N GLY A 361 -18.47 12.04 -28.15
CA GLY A 361 -18.04 12.53 -26.86
C GLY A 361 -16.68 11.96 -26.50
N ILE A 362 -16.33 12.15 -25.23
CA ILE A 362 -15.03 11.73 -24.72
C ILE A 362 -15.09 10.26 -24.34
N PHE A 363 -14.13 9.47 -24.83
CA PHE A 363 -13.93 8.10 -24.40
C PHE A 363 -12.56 7.99 -23.73
N GLN A 364 -12.52 7.40 -22.55
CA GLN A 364 -11.33 7.41 -21.71
C GLN A 364 -11.02 5.99 -21.25
N CYS A 365 -9.78 5.56 -21.44
CA CYS A 365 -9.34 4.21 -21.12
C CYS A 365 -8.38 4.27 -19.93
N PHE A 366 -8.77 3.65 -18.82
CA PHE A 366 -7.97 3.62 -17.60
C PHE A 366 -7.35 2.24 -17.44
N ALA A 367 -6.02 2.18 -17.40
CA ALA A 367 -5.29 0.94 -17.15
C ALA A 367 -4.70 1.03 -15.74
N SER A 368 -5.10 0.10 -14.87
CA SER A 368 -4.76 0.16 -13.47
C SER A 368 -4.35 -1.20 -12.94
N ASN A 369 -3.37 -1.21 -12.05
CA ASN A 369 -3.01 -2.40 -11.29
C ASN A 369 -2.58 -1.95 -9.89
N GLU A 370 -1.92 -2.85 -9.15
CA GLU A 370 -1.48 -2.50 -7.81
C GLU A 370 -0.43 -1.39 -7.80
N GLY A 371 0.26 -1.17 -8.92
CA GLY A 371 1.31 -0.17 -8.99
C GLY A 371 0.85 1.21 -9.41
N GLY A 372 -0.44 1.42 -9.48
CA GLY A 372 -1.02 2.68 -9.89
C GLY A 372 -1.82 2.52 -11.17
N GLU A 373 -2.13 3.66 -11.78
CA GLU A 373 -2.95 3.69 -12.98
C GLU A 373 -2.47 4.77 -13.93
N VAL A 374 -2.63 4.51 -15.22
CA VAL A 374 -2.38 5.48 -16.29
C VAL A 374 -3.60 5.49 -17.19
N GLN A 375 -3.90 6.65 -17.76
CA GLN A 375 -5.11 6.83 -18.56
C GLN A 375 -4.79 7.49 -19.88
N THR A 376 -5.56 7.12 -20.90
CA THR A 376 -5.55 7.77 -22.20
C THR A 376 -6.98 8.13 -22.55
N HIS A 377 -7.13 9.01 -23.55
CA HIS A 377 -8.46 9.46 -23.92
C HIS A 377 -8.48 9.86 -25.39
N THR A 378 -9.69 10.01 -25.91
CA THR A 378 -9.89 10.40 -27.30
C THR A 378 -11.31 10.95 -27.44
N TYR A 379 -11.50 11.79 -28.45
CA TYR A 379 -12.81 12.37 -28.74
C TYR A 379 -13.36 11.70 -29.99
N LEU A 380 -14.54 11.09 -29.87
CA LEU A 380 -15.22 10.46 -31.00
C LEU A 380 -16.12 11.49 -31.67
N ASP A 381 -15.81 11.83 -32.91
CA ASP A 381 -16.61 12.76 -33.70
C ASP A 381 -17.47 11.95 -34.67
N VAL A 382 -18.78 12.01 -34.49
CA VAL A 382 -19.72 11.29 -35.34
C VAL A 382 -20.17 12.20 -36.46
N THR A 383 -19.82 11.82 -37.70
CA THR A 383 -20.25 12.60 -38.85
C THR A 383 -21.77 12.55 -39.00
N ASN A 384 -22.32 13.57 -39.63
CA ASN A 384 -23.76 13.69 -39.81
C ASN A 384 -24.34 12.52 -40.61
C1 NAG B . -12.18 6.24 1.23
C2 NAG B . -12.54 6.03 2.71
C3 NAG B . -11.34 5.48 3.49
C4 NAG B . -10.76 4.25 2.81
C5 NAG B . -10.44 4.58 1.35
C6 NAG B . -9.93 3.38 0.57
C7 NAG B . -14.23 7.78 3.09
C8 NAG B . -14.54 9.07 3.78
N2 NAG B . -13.01 7.27 3.30
O3 NAG B . -11.75 5.16 4.81
O4 NAG B . -9.56 3.85 3.46
O5 NAG B . -11.64 5.02 0.70
O6 NAG B . -10.89 2.33 0.56
O7 NAG B . -15.04 7.23 2.35
C1 NAG B . -9.77 2.58 4.11
C2 NAG B . -8.60 1.65 3.74
C3 NAG B . -7.58 1.58 4.89
C4 NAG B . -8.23 1.08 6.18
C5 NAG B . -9.69 1.49 6.23
C6 NAG B . -10.18 1.74 7.65
C7 NAG B . -9.03 -0.15 2.13
C8 NAG B . -9.57 -1.55 1.94
N2 NAG B . -9.07 0.32 3.38
O3 NAG B . -7.00 2.85 5.08
O4 NAG B . -8.12 -0.33 6.28
O5 NAG B . -9.85 2.72 5.52
O6 NAG B . -11.14 2.79 7.69
O7 NAG B . -8.61 0.51 1.19
C1 BMA B . -6.72 -0.69 6.30
C2 BMA B . -6.31 -1.22 7.70
C3 BMA B . -6.67 -2.71 7.89
C4 BMA B . -6.91 -3.42 6.55
C5 BMA B . -5.93 -2.86 5.51
C6 BMA B . -5.90 -3.68 4.22
O2 BMA B . -6.96 -0.51 8.73
O3 BMA B . -7.80 -2.87 8.75
O4 BMA B . -6.71 -4.82 6.71
O5 BMA B . -6.35 -1.52 5.19
O6 BMA B . -5.20 -4.89 4.49
C1 NAG C . 3.07 13.43 24.93
C2 NAG C . 4.33 14.06 25.52
C3 NAG C . 3.96 14.97 26.68
C4 NAG C . 2.88 15.96 26.29
C5 NAG C . 1.69 15.23 25.66
C6 NAG C . 0.63 16.16 25.12
C7 NAG C . 6.52 12.98 25.46
C8 NAG C . 7.37 11.86 26.00
N2 NAG C . 5.27 13.05 25.93
O3 NAG C . 5.12 15.66 27.13
O4 NAG C . 2.43 16.67 27.43
O5 NAG C . 2.15 14.44 24.56
O6 NAG C . -0.49 15.44 24.63
O7 NAG C . 6.96 13.77 24.63
C1 NAG C . 2.79 18.07 27.32
C2 NAG C . 1.67 18.93 27.88
C3 NAG C . 2.04 20.41 27.79
C4 NAG C . 3.39 20.66 28.45
C5 NAG C . 4.45 19.72 27.86
C6 NAG C . 5.78 19.84 28.56
C7 NAG C . -0.73 18.43 27.83
C8 NAG C . -1.93 18.19 26.95
N2 NAG C . 0.42 18.68 27.19
O3 NAG C . 1.04 21.20 28.41
O4 NAG C . 3.80 22.01 28.24
O5 NAG C . 4.01 18.36 28.00
O6 NAG C . 6.41 18.56 28.66
O7 NAG C . -0.81 18.39 29.05
C1 NAG D . 3.81 -17.19 -1.49
C2 NAG D . 2.76 -18.16 -0.93
C3 NAG D . 3.04 -19.58 -1.36
C4 NAG D . 3.20 -19.66 -2.88
C5 NAG D . 4.24 -18.65 -3.36
C6 NAG D . 4.35 -18.59 -4.86
C7 NAG D . 1.77 -17.32 1.16
C8 NAG D . 1.86 -17.35 2.66
N2 NAG D . 2.69 -18.06 0.51
O3 NAG D . 1.99 -20.44 -0.94
O4 NAG D . 3.60 -20.97 -3.26
O5 NAG D . 3.88 -17.33 -2.92
O6 NAG D . 4.12 -19.87 -5.45
O7 NAG D . 0.94 -16.66 0.56
ZN ZN E . 0.33 20.24 3.76
ZN ZN F . -17.07 17.72 -36.01
ZN ZN G . 10.64 -26.74 28.80
ZN ZN H . 8.89 -21.93 21.74
ZN ZN I . -3.86 -3.99 35.22
ZN ZN J . 22.63 0.43 8.65
#